data_3GP5
#
_entry.id   3GP5
#
_cell.length_a   44.749
_cell.length_b   48.983
_cell.length_c   62.960
_cell.angle_alpha   105.460
_cell.angle_beta   91.150
_cell.angle_gamma   107.420
#
_symmetry.space_group_name_H-M   'P 1'
#
loop_
_entity.id
_entity.type
_entity.pdbx_description
1 polymer '2,3-bisphosphoglycerate-dependent phosphoglycerate mutase'
2 non-polymer 1-(2-METHOXY-ETHOXY)-2-{2-[2-(2-METHOXY-ETHOXY]-ETHOXY}-ETHANE
3 non-polymer 'VANADATE ION'
4 non-polymer '3-PHOSPHOGLYCERIC ACID'
5 non-polymer 'TETRAETHYLENE GLYCOL'
6 water water
#
_entity_poly.entity_id   1
_entity_poly.type   'polypeptide(L)'
_entity_poly.pdbx_seq_one_letter_code
;MAHHHHHHMYKLVLIRHGESTWNKENRFTGWVDVDLTEQGNREARQAGQLLKEAGYTFDIAYTSVLKRAIRTLWHVQDQM
DLMYVPVVHSWRLNERHYGALSGLNKAETAAKYGDEQVLVWRRSYDTPPPALEPGDERAPYADPRYAKVPREQLPLTECL
KDTVARVLPLWNESIAPAVKAGKQVLIAAHGNSLRALIKYLDGISDADIVGLNIPNGVPLVYELDESLTPIRHYYLGDQE
AIAKAQAAVAQQGKSAA
;
_entity_poly.pdbx_strand_id   A,B
#
# COMPACT_ATOMS: atom_id res chain seq x y z
N MET A 9 -1.91 22.43 17.54
CA MET A 9 -1.74 21.03 18.03
C MET A 9 -1.98 19.96 16.93
N TYR A 10 -1.14 18.91 16.89
CA TYR A 10 -1.23 17.85 15.89
C TYR A 10 -1.25 16.46 16.53
N LYS A 11 -1.80 15.49 15.83
CA LYS A 11 -1.68 14.06 16.25
C LYS A 11 -0.94 13.21 15.23
N LEU A 12 -0.12 12.29 15.75
CA LEU A 12 0.63 11.33 14.92
C LEU A 12 0.41 10.00 15.49
N VAL A 13 0.07 9.00 14.66
CA VAL A 13 -0.15 7.66 15.19
C VAL A 13 0.95 6.74 14.69
N LEU A 14 1.39 5.84 15.56
CA LEU A 14 2.47 4.95 15.26
C LEU A 14 2.01 3.56 15.52
N ILE A 15 2.51 2.58 14.81
CA ILE A 15 2.08 1.22 15.10
C ILE A 15 3.15 0.25 14.72
N ARG A 16 3.55 -0.62 15.67
CA ARG A 16 4.44 -1.74 15.31
C ARG A 16 3.63 -2.78 14.47
N HIS A 17 4.30 -3.41 13.51
CA HIS A 17 3.66 -4.44 12.74
C HIS A 17 3.06 -5.50 13.67
N GLY A 18 2.03 -6.17 13.18
CA GLY A 18 1.52 -7.31 13.92
C GLY A 18 2.53 -8.46 13.99
N GLU A 19 2.22 -9.40 14.88
CA GLU A 19 3.00 -10.62 15.05
C GLU A 19 3.48 -11.18 13.72
N SER A 20 4.78 -11.35 13.59
CA SER A 20 5.36 -11.98 12.42
C SER A 20 5.68 -13.47 12.63
N THR A 21 5.93 -14.20 11.57
CA THR A 21 6.37 -15.59 11.71
C THR A 21 7.59 -15.71 12.67
N TRP A 22 8.50 -14.74 12.65
CA TRP A 22 9.72 -14.88 13.46
C TRP A 22 9.55 -14.36 14.88
N ASN A 23 8.56 -13.49 15.13
CA ASN A 23 8.14 -13.18 16.51
C ASN A 23 7.61 -14.45 17.17
N LYS A 24 6.85 -15.24 16.40
CA LYS A 24 6.30 -16.46 16.89
C LYS A 24 7.40 -17.54 17.15
N GLU A 25 8.27 -17.79 16.16
CA GLU A 25 9.43 -18.67 16.34
C GLU A 25 10.54 -18.07 17.21
N ASN A 26 10.36 -16.85 17.69
CA ASN A 26 11.32 -16.21 18.56
C ASN A 26 12.73 -16.12 17.97
N ARG A 27 12.80 -15.61 16.72
CA ARG A 27 14.04 -15.40 15.96
C ARG A 27 14.30 -13.91 15.63
N PHE A 28 15.57 -13.49 15.72
CA PHE A 28 15.90 -12.09 15.49
C PHE A 28 15.67 -11.92 14.01
N THR A 29 15.00 -10.84 13.62
CA THR A 29 14.61 -10.63 12.23
C THR A 29 15.44 -9.57 11.50
N GLY A 30 15.47 -8.35 12.00
CA GLY A 30 16.10 -7.25 11.30
C GLY A 30 15.54 -7.02 9.89
N TRP A 31 16.39 -7.09 8.87
CA TRP A 31 15.96 -6.80 7.49
C TRP A 31 15.51 -8.01 6.74
N VAL A 32 15.54 -9.19 7.35
CA VAL A 32 14.93 -10.37 6.73
C VAL A 32 13.42 -10.20 6.57
N ASP A 33 12.92 -10.45 5.35
CA ASP A 33 11.62 -9.98 4.94
C ASP A 33 10.49 -11.03 5.18
N VAL A 34 10.28 -11.36 6.46
CA VAL A 34 9.23 -12.30 6.90
C VAL A 34 7.89 -11.63 7.03
N ASP A 35 6.88 -12.47 6.98
CA ASP A 35 5.50 -12.07 6.81
C ASP A 35 4.78 -12.26 8.10
N LEU A 36 3.56 -11.75 8.12
CA LEU A 36 2.73 -11.86 9.31
C LEU A 36 2.15 -13.26 9.48
N THR A 37 1.86 -13.61 10.72
CA THR A 37 1.08 -14.82 11.03
C THR A 37 -0.42 -14.46 10.99
N GLU A 38 -1.30 -15.43 11.14
CA GLU A 38 -2.72 -15.15 11.17
C GLU A 38 -3.02 -14.22 12.36
N GLN A 39 -2.40 -14.46 13.53
CA GLN A 39 -2.59 -13.65 14.68
C GLN A 39 -2.16 -12.19 14.39
N GLY A 40 -1.06 -12.04 13.64
CA GLY A 40 -0.52 -10.73 13.25
C GLY A 40 -1.46 -10.03 12.31
N ASN A 41 -2.06 -10.78 11.40
CA ASN A 41 -3.10 -10.27 10.56
C ASN A 41 -4.30 -9.76 11.37
N ARG A 42 -4.70 -10.54 12.37
CA ARG A 42 -5.84 -10.16 13.20
C ARG A 42 -5.47 -8.95 14.08
N GLU A 43 -4.25 -8.89 14.61
CA GLU A 43 -3.86 -7.73 15.37
C GLU A 43 -4.02 -6.46 14.52
N ALA A 44 -3.54 -6.52 13.29
CA ALA A 44 -3.60 -5.40 12.35
C ALA A 44 -5.05 -4.96 12.06
N ARG A 45 -5.90 -5.93 11.77
CA ARG A 45 -7.31 -5.65 11.54
C ARG A 45 -7.91 -4.94 12.75
N GLN A 46 -7.53 -5.40 13.94
CA GLN A 46 -8.13 -4.89 15.19
C GLN A 46 -7.67 -3.48 15.51
N ALA A 47 -6.42 -3.18 15.20
CA ALA A 47 -5.92 -1.84 15.31
C ALA A 47 -6.70 -0.88 14.35
N GLY A 48 -7.01 -1.33 13.17
CA GLY A 48 -7.84 -0.57 12.27
C GLY A 48 -9.26 -0.32 12.79
N GLN A 49 -9.91 -1.35 13.30
CA GLN A 49 -11.19 -1.14 13.89
C GLN A 49 -11.09 -0.13 15.03
N LEU A 50 -10.11 -0.27 15.89
CA LEU A 50 -9.98 0.62 17.05
C LEU A 50 -9.83 2.08 16.60
N LEU A 51 -9.04 2.30 15.56
CA LEU A 51 -8.83 3.69 15.13
C LEU A 51 -10.07 4.23 14.43
N LYS A 52 -10.73 3.41 13.61
CA LYS A 52 -11.99 3.78 12.97
C LYS A 52 -13.12 4.15 13.98
N GLU A 53 -13.29 3.35 15.03
CA GLU A 53 -14.24 3.62 16.14
C GLU A 53 -13.86 4.83 16.98
N ALA A 54 -12.58 5.14 17.09
CA ALA A 54 -12.15 6.35 17.80
C ALA A 54 -12.28 7.59 16.92
N GLY A 55 -12.67 7.40 15.67
CA GLY A 55 -12.87 8.54 14.75
C GLY A 55 -11.65 8.99 13.97
N TYR A 56 -10.50 8.33 14.18
CA TYR A 56 -9.24 8.70 13.53
C TYR A 56 -9.38 8.55 12.03
N THR A 57 -8.82 9.47 11.27
CA THR A 57 -8.55 9.21 9.88
C THR A 57 -7.10 9.64 9.56
N PHE A 58 -6.65 9.34 8.35
CA PHE A 58 -5.28 9.63 7.90
C PHE A 58 -5.30 10.12 6.47
N ASP A 59 -4.34 10.99 6.13
CA ASP A 59 -4.26 11.54 4.77
C ASP A 59 -3.11 10.86 4.03
N ILE A 60 -2.13 10.35 4.78
CA ILE A 60 -0.90 9.78 4.20
C ILE A 60 -0.37 8.74 5.22
N ALA A 61 0.29 7.70 4.75
CA ALA A 61 0.95 6.77 5.68
C ALA A 61 2.40 6.58 5.23
N TYR A 62 3.23 6.31 6.18
CA TYR A 62 4.62 6.03 5.94
C TYR A 62 4.83 4.61 6.43
N THR A 63 5.62 3.83 5.72
CA THR A 63 6.01 2.50 6.24
C THR A 63 7.38 2.11 5.72
N SER A 64 7.88 0.95 6.10
CA SER A 64 9.17 0.41 5.62
C SER A 64 9.01 -0.23 4.24
N VAL A 65 10.04 -0.97 3.80
CA VAL A 65 9.94 -1.81 2.59
C VAL A 65 9.79 -3.28 2.93
N LEU A 66 9.47 -3.56 4.17
CA LEU A 66 9.38 -4.93 4.65
C LEU A 66 7.87 -5.28 4.81
N LYS A 67 7.49 -6.42 4.27
CA LYS A 67 6.11 -6.72 4.06
C LYS A 67 5.30 -6.88 5.33
N ARG A 68 5.96 -7.18 6.44
CA ARG A 68 5.25 -7.32 7.67
C ARG A 68 4.71 -6.00 8.15
N ALA A 69 5.47 -4.92 8.00
CA ALA A 69 4.96 -3.58 8.33
C ALA A 69 3.90 -3.19 7.29
N ILE A 70 4.15 -3.52 6.04
CA ILE A 70 3.33 -3.08 4.92
C ILE A 70 1.97 -3.78 4.94
N ARG A 71 1.97 -5.10 5.20
CA ARG A 71 0.71 -5.82 5.39
C ARG A 71 -0.04 -5.37 6.63
N THR A 72 0.64 -4.94 7.66
CA THR A 72 -0.08 -4.37 8.76
C THR A 72 -0.80 -3.10 8.33
N LEU A 73 -0.12 -2.23 7.59
CA LEU A 73 -0.76 -1.01 7.05
C LEU A 73 -1.99 -1.34 6.22
N TRP A 74 -1.85 -2.30 5.30
CA TRP A 74 -2.90 -2.78 4.43
C TRP A 74 -4.13 -3.13 5.25
N HIS A 75 -3.96 -3.96 6.28
CA HIS A 75 -5.09 -4.34 7.15
C HIS A 75 -5.74 -3.11 7.85
N VAL A 76 -4.93 -2.17 8.32
CA VAL A 76 -5.47 -0.95 8.91
C VAL A 76 -6.21 -0.10 7.82
N GLN A 77 -5.58 0.13 6.67
CA GLN A 77 -6.24 0.83 5.57
C GLN A 77 -7.60 0.13 5.17
N ASP A 78 -7.54 -1.17 5.03
CA ASP A 78 -8.75 -1.93 4.69
C ASP A 78 -9.88 -1.75 5.72
N GLN A 79 -9.65 -2.04 7.02
CA GLN A 79 -10.71 -1.86 8.02
C GLN A 79 -11.15 -0.39 8.15
N MET A 80 -10.25 0.56 7.91
CA MET A 80 -10.60 2.00 7.95
C MET A 80 -11.23 2.58 6.68
N ASP A 81 -11.30 1.82 5.58
CA ASP A 81 -11.69 2.32 4.26
C ASP A 81 -10.80 3.51 3.81
N LEU A 82 -9.47 3.33 3.97
CA LEU A 82 -8.46 4.25 3.50
C LEU A 82 -7.46 3.59 2.55
N MET A 83 -7.91 2.67 1.71
CA MET A 83 -7.01 1.94 0.76
C MET A 83 -6.43 2.84 -0.33
N TYR A 84 -7.02 4.02 -0.50
CA TYR A 84 -6.67 4.96 -1.56
C TYR A 84 -5.62 5.99 -1.15
N VAL A 85 -5.20 6.02 0.11
CA VAL A 85 -4.31 7.10 0.53
C VAL A 85 -2.86 6.88 0.06
N PRO A 86 -2.16 8.02 -0.13
CA PRO A 86 -0.75 7.93 -0.49
C PRO A 86 0.02 7.25 0.62
N VAL A 87 0.92 6.32 0.23
CA VAL A 87 1.81 5.58 1.12
C VAL A 87 3.27 5.76 0.65
N VAL A 88 4.15 6.25 1.52
CA VAL A 88 5.54 6.32 1.19
C VAL A 88 6.16 5.11 1.85
N HIS A 89 6.76 4.24 1.05
CA HIS A 89 7.45 3.08 1.54
C HIS A 89 8.94 3.42 1.56
N SER A 90 9.56 3.40 2.74
CA SER A 90 10.95 3.79 2.85
C SER A 90 11.84 2.85 3.67
N TRP A 91 12.97 2.44 3.07
CA TRP A 91 13.96 1.63 3.72
C TRP A 91 14.44 2.28 5.00
N ARG A 92 14.28 3.59 5.11
CA ARG A 92 14.69 4.29 6.35
C ARG A 92 13.81 3.98 7.57
N LEU A 93 12.63 3.40 7.35
CA LEU A 93 11.80 2.96 8.46
C LEU A 93 11.99 1.46 8.74
N ASN A 94 12.91 0.81 8.02
CA ASN A 94 13.24 -0.60 8.24
C ASN A 94 13.65 -0.89 9.66
N GLU A 95 13.33 -2.11 10.10
CA GLU A 95 13.70 -2.54 11.41
C GLU A 95 15.22 -2.38 11.53
N ARG A 96 15.68 -2.04 12.73
CA ARG A 96 17.10 -2.06 13.03
C ARG A 96 17.70 -3.37 12.50
N HIS A 97 18.82 -3.25 11.78
CA HIS A 97 19.50 -4.41 11.21
C HIS A 97 20.19 -5.29 12.26
N TYR A 98 19.92 -6.58 12.21
CA TYR A 98 20.41 -7.52 13.28
C TYR A 98 21.65 -8.30 12.95
N GLY A 99 22.34 -7.94 11.88
CA GLY A 99 23.60 -8.55 11.47
C GLY A 99 23.54 -10.04 11.41
N ALA A 100 24.62 -10.72 11.86
CA ALA A 100 24.70 -12.20 11.78
C ALA A 100 23.84 -12.88 12.87
N LEU A 101 23.14 -12.10 13.70
CA LEU A 101 22.08 -12.68 14.57
C LEU A 101 20.78 -12.96 13.83
N SER A 102 20.53 -12.25 12.72
CA SER A 102 19.34 -12.43 11.91
C SER A 102 19.06 -13.91 11.69
N GLY A 103 17.89 -14.38 12.10
CA GLY A 103 17.53 -15.76 11.82
C GLY A 103 17.76 -16.70 12.98
N LEU A 104 18.52 -16.25 13.98
CA LEU A 104 18.88 -17.11 15.06
C LEU A 104 17.78 -17.05 16.09
N ASN A 105 17.60 -18.17 16.81
CA ASN A 105 16.64 -18.20 17.91
C ASN A 105 17.18 -17.44 19.10
N LYS A 106 16.37 -16.54 19.63
CA LYS A 106 16.77 -15.62 20.72
C LYS A 106 17.05 -16.35 22.05
N ALA A 107 16.25 -17.38 22.33
CA ALA A 107 16.42 -18.24 23.52
C ALA A 107 17.70 -19.09 23.36
N GLU A 108 17.82 -19.86 22.30
CA GLU A 108 19.08 -20.59 22.05
C GLU A 108 20.34 -19.69 22.04
N THR A 109 20.21 -18.48 21.54
CA THR A 109 21.31 -17.51 21.55
C THR A 109 21.69 -16.99 22.96
N ALA A 110 20.68 -16.72 23.80
CA ALA A 110 20.97 -16.39 25.24
C ALA A 110 21.63 -17.58 26.01
N ALA A 111 21.24 -18.80 25.65
CA ALA A 111 21.83 -20.04 26.21
C ALA A 111 23.30 -20.19 25.87
N LYS A 112 23.70 -19.72 24.70
CA LYS A 112 25.08 -19.84 24.25
C LYS A 112 25.95 -18.70 24.76
N TYR A 113 25.41 -17.47 24.80
CA TYR A 113 26.25 -16.29 25.06
C TYR A 113 26.01 -15.57 26.38
N GLY A 114 24.96 -15.94 27.09
CA GLY A 114 24.59 -15.21 28.29
C GLY A 114 23.34 -14.38 28.01
N ASP A 115 22.51 -14.26 29.04
CA ASP A 115 21.31 -13.48 28.96
C ASP A 115 21.70 -12.01 28.88
N GLU A 116 22.82 -11.65 29.52
CA GLU A 116 23.33 -10.28 29.50
C GLU A 116 23.65 -9.88 28.08
N GLN A 117 24.50 -10.69 27.44
CA GLN A 117 24.94 -10.38 26.11
C GLN A 117 23.72 -10.18 25.17
N VAL A 118 22.77 -11.09 25.22
CA VAL A 118 21.56 -10.91 24.47
C VAL A 118 20.77 -9.60 24.82
N LEU A 119 20.79 -9.15 26.09
CA LEU A 119 20.12 -7.89 26.42
C LEU A 119 20.88 -6.70 25.81
N VAL A 120 22.21 -6.72 25.85
CA VAL A 120 23.01 -5.71 25.14
C VAL A 120 22.61 -5.66 23.65
N TRP A 121 22.57 -6.83 23.03
CA TRP A 121 22.30 -6.89 21.61
C TRP A 121 20.90 -6.36 21.26
N ARG A 122 19.91 -6.70 22.07
CA ARG A 122 18.53 -6.33 21.78
C ARG A 122 18.20 -4.89 22.14
N ARG A 123 18.76 -4.40 23.22
CA ARG A 123 18.25 -3.18 23.81
C ARG A 123 19.21 -2.02 24.05
N SER A 124 20.52 -2.27 24.13
CA SER A 124 21.49 -1.15 24.29
C SER A 124 21.39 -0.11 23.17
N TYR A 125 21.90 1.09 23.43
CA TYR A 125 21.88 2.17 22.44
C TYR A 125 22.95 1.99 21.40
N ASP A 126 24.14 1.60 21.82
CA ASP A 126 25.31 1.82 20.97
C ASP A 126 26.22 0.61 20.72
N THR A 127 25.75 -0.58 21.05
CA THR A 127 26.45 -1.82 20.78
C THR A 127 25.79 -2.57 19.63
N PRO A 128 26.54 -2.79 18.53
CA PRO A 128 25.94 -3.54 17.45
C PRO A 128 26.03 -5.04 17.64
N PRO A 129 25.03 -5.76 17.17
CA PRO A 129 25.27 -7.20 16.98
C PRO A 129 26.45 -7.50 16.02
N PRO A 130 26.97 -8.76 16.04
CA PRO A 130 28.02 -9.10 15.03
C PRO A 130 27.45 -8.91 13.63
N ALA A 131 28.31 -8.53 12.70
CA ALA A 131 27.98 -8.05 11.40
C ALA A 131 27.90 -9.24 10.48
N LEU A 132 27.08 -9.13 9.44
CA LEU A 132 27.04 -10.13 8.34
C LEU A 132 28.37 -10.05 7.60
N GLU A 133 28.80 -11.12 6.95
CA GLU A 133 29.96 -11.03 6.04
C GLU A 133 29.48 -10.29 4.79
N PRO A 134 30.38 -9.62 4.09
CA PRO A 134 29.82 -8.90 2.97
C PRO A 134 29.17 -9.77 1.90
N GLY A 135 29.60 -11.01 1.73
CA GLY A 135 28.94 -11.92 0.77
C GLY A 135 27.88 -12.83 1.39
N ASP A 136 27.39 -12.48 2.59
CA ASP A 136 26.28 -13.26 3.13
C ASP A 136 25.01 -13.13 2.23
N GLU A 137 24.28 -14.24 2.07
CA GLU A 137 23.08 -14.29 1.22
C GLU A 137 22.16 -13.13 1.65
N ARG A 138 22.10 -12.94 2.97
CA ARG A 138 21.26 -11.99 3.62
C ARG A 138 21.75 -10.53 3.59
N ALA A 139 22.89 -10.26 2.93
CA ALA A 139 23.39 -8.88 2.80
C ALA A 139 22.42 -8.19 1.82
N PRO A 140 22.33 -6.85 1.84
CA PRO A 140 21.27 -6.20 1.13
C PRO A 140 21.63 -5.74 -0.27
N TYR A 141 22.89 -5.93 -0.66
CA TYR A 141 23.43 -5.20 -1.80
C TYR A 141 22.78 -5.50 -3.15
N ALA A 142 22.29 -6.73 -3.35
CA ALA A 142 21.63 -7.13 -4.62
C ALA A 142 20.13 -6.90 -4.63
N ASP A 143 19.57 -6.36 -3.55
CA ASP A 143 18.13 -6.35 -3.35
C ASP A 143 17.53 -5.14 -4.04
N PRO A 144 16.55 -5.37 -4.94
CA PRO A 144 16.04 -4.22 -5.70
C PRO A 144 15.37 -3.16 -4.83
N ARG A 145 14.90 -3.55 -3.64
CA ARG A 145 14.42 -2.58 -2.66
C ARG A 145 15.45 -1.48 -2.42
N TYR A 146 16.74 -1.84 -2.39
CA TYR A 146 17.80 -0.89 -2.07
C TYR A 146 18.64 -0.43 -3.25
N ALA A 147 18.22 -0.77 -4.47
CA ALA A 147 18.96 -0.46 -5.71
C ALA A 147 19.44 0.99 -5.79
N LYS A 148 18.64 1.95 -5.27
CA LYS A 148 18.99 3.40 -5.25
C LYS A 148 19.75 3.90 -4.03
N VAL A 149 19.91 3.07 -3.01
CA VAL A 149 20.66 3.47 -1.81
C VAL A 149 22.16 3.27 -2.08
N PRO A 150 22.99 4.31 -1.88
CA PRO A 150 24.41 4.05 -2.17
C PRO A 150 24.92 2.99 -1.20
N ARG A 151 25.90 2.24 -1.67
CA ARG A 151 26.30 0.98 -1.05
C ARG A 151 26.81 1.17 0.39
N GLU A 152 27.49 2.28 0.61
CA GLU A 152 28.15 2.59 1.89
C GLU A 152 27.16 2.98 2.98
N GLN A 153 25.95 3.34 2.58
CA GLN A 153 24.88 3.62 3.51
C GLN A 153 24.13 2.37 3.92
N LEU A 154 24.40 1.24 3.27
CA LEU A 154 23.63 0.05 3.62
C LEU A 154 24.36 -0.65 4.78
N PRO A 155 23.63 -1.02 5.87
CA PRO A 155 24.25 -1.73 6.99
C PRO A 155 24.40 -3.24 6.77
N LEU A 156 25.45 -3.81 7.39
CA LEU A 156 25.60 -5.23 7.65
C LEU A 156 25.25 -5.56 9.09
N THR A 157 25.05 -4.51 9.88
CA THR A 157 24.50 -4.65 11.22
C THR A 157 24.25 -3.24 11.68
N GLU A 158 23.50 -3.08 12.77
CA GLU A 158 23.16 -1.78 13.32
C GLU A 158 22.94 -1.84 14.81
N CYS A 159 23.44 -0.84 15.51
CA CYS A 159 23.01 -0.57 16.88
C CYS A 159 21.88 0.47 16.78
N LEU A 160 21.15 0.65 17.88
CA LEU A 160 20.01 1.58 17.85
C LEU A 160 20.43 2.96 17.43
N LYS A 161 21.64 3.36 17.80
CA LYS A 161 22.13 4.70 17.48
C LYS A 161 22.19 4.91 15.99
N ASP A 162 22.69 3.91 15.25
CA ASP A 162 22.64 3.90 13.75
C ASP A 162 21.22 3.95 13.20
N THR A 163 20.26 3.30 13.89
CA THR A 163 18.83 3.28 13.44
C THR A 163 18.25 4.72 13.51
N VAL A 164 18.55 5.40 14.59
CA VAL A 164 18.19 6.81 14.77
C VAL A 164 18.78 7.64 13.61
N ALA A 165 20.07 7.49 13.32
CA ALA A 165 20.71 8.30 12.29
C ALA A 165 20.04 8.05 10.93
N ARG A 166 19.57 6.82 10.72
CA ARG A 166 18.97 6.41 9.45
C ARG A 166 17.49 6.85 9.31
N VAL A 167 16.76 6.92 10.44
CA VAL A 167 15.36 7.35 10.44
C VAL A 167 15.22 8.90 10.30
N LEU A 168 16.10 9.68 10.94
CA LEU A 168 15.85 11.13 11.04
C LEU A 168 15.70 11.87 9.73
N PRO A 169 16.49 11.51 8.74
CA PRO A 169 16.29 12.20 7.46
C PRO A 169 14.86 12.11 6.93
N LEU A 170 14.22 10.94 6.98
CA LEU A 170 12.87 10.77 6.51
C LEU A 170 11.93 11.67 7.31
N TRP A 171 12.13 11.71 8.62
CA TRP A 171 11.36 12.59 9.47
C TRP A 171 11.61 14.09 9.15
N ASN A 172 12.86 14.50 8.98
CA ASN A 172 13.17 15.93 8.77
C ASN A 172 12.70 16.43 7.41
N GLU A 173 12.86 15.55 6.43
CA GLU A 173 12.66 15.93 5.05
C GLU A 173 11.29 15.59 4.52
N SER A 174 10.57 14.69 5.18
CA SER A 174 9.26 14.31 4.69
C SER A 174 8.16 14.32 5.73
N ILE A 175 8.34 13.61 6.86
CA ILE A 175 7.20 13.38 7.79
C ILE A 175 6.87 14.64 8.60
N ALA A 176 7.90 15.31 9.13
CA ALA A 176 7.68 16.58 9.84
C ALA A 176 6.96 17.60 8.96
N PRO A 177 7.45 17.84 7.73
CA PRO A 177 6.70 18.71 6.82
C PRO A 177 5.26 18.24 6.53
N ALA A 178 5.01 16.94 6.36
CA ALA A 178 3.62 16.48 6.27
C ALA A 178 2.81 16.87 7.53
N VAL A 179 3.36 16.71 8.71
CA VAL A 179 2.56 16.94 9.90
C VAL A 179 2.20 18.41 10.05
N LYS A 180 3.17 19.27 9.76
CA LYS A 180 2.98 20.73 9.80
C LYS A 180 2.03 21.21 8.72
N ALA A 181 2.06 20.61 7.55
CA ALA A 181 1.19 21.00 6.48
C ALA A 181 -0.30 20.72 6.85
N GLY A 182 -0.53 19.97 7.93
CA GLY A 182 -1.88 19.56 8.38
C GLY A 182 -2.30 18.14 8.03
N LYS A 183 -1.40 17.35 7.40
CA LYS A 183 -1.68 15.97 7.07
C LYS A 183 -1.75 15.12 8.37
N GLN A 184 -2.70 14.18 8.38
CA GLN A 184 -2.89 13.30 9.49
C GLN A 184 -2.17 12.04 9.12
N VAL A 185 -1.13 11.72 9.86
CA VAL A 185 -0.12 10.78 9.40
C VAL A 185 -0.15 9.54 10.25
N LEU A 186 -0.01 8.38 9.61
CA LEU A 186 0.21 7.11 10.25
C LEU A 186 1.57 6.60 9.85
N ILE A 187 2.33 6.10 10.84
CA ILE A 187 3.57 5.43 10.55
C ILE A 187 3.43 3.95 11.01
N ALA A 188 3.49 3.02 10.05
CA ALA A 188 3.44 1.58 10.37
C ALA A 188 4.84 1.05 10.18
N ALA A 189 5.44 0.61 11.26
CA ALA A 189 6.82 0.19 11.18
C ALA A 189 7.17 -0.99 12.13
N HIS A 190 8.28 -0.85 12.86
CA HIS A 190 8.98 -1.93 13.53
C HIS A 190 9.38 -1.51 14.94
N GLY A 191 9.39 -2.50 15.84
CA GLY A 191 9.77 -2.29 17.24
C GLY A 191 10.95 -1.37 17.43
N ASN A 192 12.12 -1.74 16.89
CA ASN A 192 13.31 -0.95 17.15
C ASN A 192 13.43 0.34 16.33
N SER A 193 12.88 0.37 15.11
CA SER A 193 12.92 1.63 14.34
C SER A 193 11.99 2.64 14.97
N LEU A 194 10.93 2.13 15.61
CA LEU A 194 10.02 3.01 16.36
C LEU A 194 10.64 3.41 17.71
N ARG A 195 11.32 2.49 18.41
CA ARG A 195 12.11 2.85 19.60
C ARG A 195 12.98 4.01 19.26
N ALA A 196 13.64 3.93 18.11
CA ALA A 196 14.56 4.98 17.68
C ALA A 196 13.91 6.34 17.45
N LEU A 197 12.73 6.34 16.83
CA LEU A 197 12.06 7.58 16.50
C LEU A 197 11.55 8.19 17.76
N ILE A 198 11.04 7.33 18.64
CA ILE A 198 10.51 7.79 19.92
C ILE A 198 11.64 8.39 20.77
N LYS A 199 12.84 7.79 20.70
CA LYS A 199 13.98 8.29 21.46
C LYS A 199 14.27 9.72 21.03
N TYR A 200 14.13 9.99 19.74
CA TYR A 200 14.35 11.34 19.25
C TYR A 200 13.21 12.28 19.69
N LEU A 201 11.97 11.85 19.50
CA LEU A 201 10.80 12.71 19.72
C LEU A 201 10.61 13.05 21.18
N ASP A 202 10.76 12.05 22.04
CA ASP A 202 10.68 12.30 23.47
C ASP A 202 11.95 12.75 24.20
N GLY A 203 13.08 12.86 23.52
CA GLY A 203 14.36 13.12 24.14
C GLY A 203 14.73 12.16 25.26
N ILE A 204 14.67 10.86 24.99
CA ILE A 204 14.91 9.79 25.98
C ILE A 204 16.39 9.58 25.99
N SER A 205 16.98 9.34 27.16
CA SER A 205 18.42 9.30 27.26
C SER A 205 18.89 7.96 26.75
N ASP A 206 20.19 7.84 26.50
CA ASP A 206 20.76 6.57 26.03
C ASP A 206 20.46 5.45 26.98
N ALA A 207 20.57 5.75 28.26
CA ALA A 207 20.30 4.81 29.34
C ALA A 207 18.87 4.33 29.35
N ASP A 208 17.96 5.30 29.38
CA ASP A 208 16.51 5.02 29.55
C ASP A 208 15.83 4.33 28.39
N ILE A 209 16.38 4.45 27.18
CA ILE A 209 15.73 3.80 26.02
C ILE A 209 15.81 2.30 26.10
N VAL A 210 16.73 1.77 26.91
CA VAL A 210 16.89 0.33 27.05
C VAL A 210 15.61 -0.38 27.42
N GLY A 211 14.86 0.19 28.36
CA GLY A 211 13.63 -0.45 28.83
C GLY A 211 12.37 -0.32 27.96
N LEU A 212 12.36 0.49 26.90
CA LEU A 212 11.15 0.69 26.10
C LEU A 212 10.94 -0.48 25.18
N ASN A 213 9.83 -1.20 25.40
CA ASN A 213 9.33 -2.25 24.47
C ASN A 213 7.95 -1.86 23.92
N ILE A 214 7.80 -2.06 22.63
CA ILE A 214 6.59 -1.69 21.91
C ILE A 214 5.97 -2.97 21.41
N PRO A 215 4.71 -3.23 21.85
CA PRO A 215 3.95 -4.40 21.42
C PRO A 215 3.48 -4.39 19.97
N ASN A 216 3.29 -5.58 19.44
CA ASN A 216 2.74 -5.79 18.12
C ASN A 216 1.33 -5.17 17.94
N GLY A 217 1.15 -4.42 16.88
CA GLY A 217 -0.16 -4.08 16.44
C GLY A 217 -1.02 -3.22 17.34
N VAL A 218 -0.43 -2.31 18.14
CA VAL A 218 -1.18 -1.44 19.06
C VAL A 218 -0.94 0.03 18.68
N PRO A 219 -2.00 0.76 18.30
CA PRO A 219 -1.73 2.13 17.89
C PRO A 219 -1.18 2.88 19.04
N LEU A 220 -0.23 3.75 18.77
CA LEU A 220 0.38 4.60 19.77
C LEU A 220 0.28 5.98 19.22
N VAL A 221 -0.44 6.87 19.91
CA VAL A 221 -0.80 8.20 19.44
C VAL A 221 0.13 9.21 20.15
N TYR A 222 0.90 9.98 19.38
CA TYR A 222 1.58 11.17 19.90
C TYR A 222 0.72 12.37 19.61
N GLU A 223 0.54 13.21 20.65
CA GLU A 223 -0.01 14.56 20.53
C GLU A 223 1.18 15.53 20.53
N LEU A 224 1.29 16.39 19.53
CA LEU A 224 2.47 17.22 19.32
C LEU A 224 2.05 18.65 19.32
N ASP A 225 2.83 19.53 19.97
CA ASP A 225 2.54 20.97 19.92
C ASP A 225 2.96 21.58 18.59
N GLU A 226 2.82 22.88 18.43
CA GLU A 226 3.20 23.50 17.16
C GLU A 226 4.69 23.45 16.81
N SER A 227 5.54 23.27 17.80
CA SER A 227 6.95 23.03 17.54
C SER A 227 7.32 21.55 17.37
N LEU A 228 6.31 20.69 17.28
CA LEU A 228 6.44 19.22 17.08
C LEU A 228 7.01 18.53 18.29
N THR A 229 6.83 19.13 19.45
CA THR A 229 7.32 18.56 20.68
C THR A 229 6.17 17.77 21.25
N PRO A 230 6.41 16.53 21.66
CA PRO A 230 5.35 15.79 22.34
C PRO A 230 4.74 16.53 23.57
N ILE A 231 3.41 16.56 23.65
CA ILE A 231 2.65 17.03 24.79
C ILE A 231 2.29 15.79 25.67
N ARG A 232 1.75 14.75 25.06
CA ARG A 232 1.50 13.45 25.72
C ARG A 232 1.49 12.32 24.67
N HIS A 233 1.54 11.07 25.13
CA HIS A 233 1.32 9.97 24.23
C HIS A 233 0.55 8.90 24.95
N TYR A 234 -0.16 8.06 24.18
CA TYR A 234 -0.96 6.96 24.75
C TYR A 234 -1.19 5.84 23.74
N TYR A 235 -1.19 4.61 24.20
CA TYR A 235 -1.72 3.48 23.43
C TYR A 235 -3.24 3.52 23.33
N LEU A 236 -3.78 2.93 22.27
CA LEU A 236 -5.22 2.75 22.16
C LEU A 236 -5.44 1.27 22.42
N GLY A 237 -6.48 0.94 23.18
CA GLY A 237 -6.85 -0.46 23.46
C GLY A 237 -6.88 -0.90 24.93
N ASP A 238 -7.05 -2.21 25.12
CA ASP A 238 -7.11 -2.82 26.44
C ASP A 238 -5.75 -2.77 27.18
N GLN A 239 -5.66 -1.97 28.24
CA GLN A 239 -4.36 -1.78 28.91
C GLN A 239 -3.78 -3.07 29.51
N GLU A 240 -4.65 -4.02 29.81
CA GLU A 240 -4.25 -5.35 30.26
C GLU A 240 -3.69 -6.24 29.13
N ALA A 241 -4.43 -6.31 28.02
CA ALA A 241 -3.96 -7.07 26.89
C ALA A 241 -2.51 -6.66 26.56
N ILE A 242 -2.21 -5.35 26.70
CA ILE A 242 -0.92 -4.82 26.25
C ILE A 242 0.25 -4.92 27.27
N ALA A 243 -0.03 -4.82 28.56
CA ALA A 243 0.97 -5.15 29.63
C ALA A 243 1.45 -6.61 29.51
N LYS A 244 0.55 -7.50 29.11
CA LYS A 244 0.87 -8.89 28.75
C LYS A 244 1.71 -8.97 27.46
N ALA A 245 1.38 -8.14 26.48
CA ALA A 245 2.11 -8.09 25.21
C ALA A 245 3.59 -7.72 25.42
N GLN A 246 3.82 -6.64 26.16
CA GLN A 246 5.17 -6.18 26.52
C GLN A 246 5.91 -7.20 27.42
N ALA A 247 5.16 -7.94 28.25
CA ALA A 247 5.72 -9.00 29.10
C ALA A 247 6.23 -10.17 28.25
N ALA A 248 5.47 -10.55 27.22
CA ALA A 248 5.93 -11.57 26.25
C ALA A 248 7.15 -11.09 25.44
N VAL A 249 7.15 -9.82 25.00
CA VAL A 249 8.32 -9.23 24.29
C VAL A 249 9.64 -9.48 25.07
N ALA A 250 9.61 -9.35 26.40
CA ALA A 250 10.70 -9.87 27.24
C ALA A 250 10.81 -11.42 27.09
N GLN A 251 11.48 -11.85 26.02
CA GLN A 251 11.74 -13.28 25.63
C GLN A 251 13.17 -13.47 25.06
N GLN A 252 14.11 -12.66 25.57
CA GLN A 252 15.56 -12.90 25.43
C GLN A 252 16.09 -13.92 26.48
N GLY A 253 15.18 -14.74 27.00
CA GLY A 253 15.46 -15.70 28.06
C GLY A 253 15.84 -17.03 27.45
N LYS A 254 16.88 -17.66 28.01
CA LYS A 254 17.38 -18.99 27.58
C LYS A 254 16.27 -20.07 27.68
N SER A 255 16.41 -21.15 26.89
CA SER A 255 15.53 -22.35 27.06
C SER A 255 16.15 -23.44 28.01
N ALA A 256 15.53 -24.63 28.12
CA ALA A 256 16.10 -25.75 28.91
C ALA A 256 17.44 -26.26 28.36
N MET B 9 12.58 -0.20 -27.14
CA MET B 9 11.32 -0.95 -26.75
C MET B 9 11.01 -0.87 -25.24
N TYR B 10 9.74 -0.62 -24.91
CA TYR B 10 9.20 -0.63 -23.54
C TYR B 10 8.05 -1.59 -23.46
N LYS B 11 7.83 -2.16 -22.25
CA LYS B 11 6.59 -2.92 -21.95
C LYS B 11 5.74 -2.17 -20.91
N LEU B 12 4.43 -2.21 -21.08
CA LEU B 12 3.47 -1.65 -20.13
C LEU B 12 2.46 -2.74 -19.87
N VAL B 13 2.14 -3.02 -18.61
CA VAL B 13 1.08 -4.01 -18.32
C VAL B 13 -0.16 -3.32 -17.74
N LEU B 14 -1.33 -3.81 -18.14
CA LEU B 14 -2.63 -3.32 -17.76
C LEU B 14 -3.41 -4.48 -17.17
N ILE B 15 -4.26 -4.24 -16.18
CA ILE B 15 -5.09 -5.29 -15.68
C ILE B 15 -6.34 -4.68 -15.10
N ARG B 16 -7.49 -5.30 -15.42
CA ARG B 16 -8.80 -4.86 -14.94
C ARG B 16 -8.93 -5.51 -13.61
N HIS B 17 -9.55 -4.84 -12.65
CA HIS B 17 -9.85 -5.52 -11.40
C HIS B 17 -10.50 -6.91 -11.56
N GLY B 18 -10.28 -7.76 -10.57
CA GLY B 18 -10.96 -9.05 -10.52
C GLY B 18 -12.44 -8.85 -10.30
N GLU B 19 -13.20 -9.90 -10.57
CA GLU B 19 -14.62 -9.90 -10.39
C GLU B 19 -15.00 -9.22 -9.09
N SER B 20 -15.84 -8.21 -9.22
CA SER B 20 -16.45 -7.52 -8.10
C SER B 20 -17.83 -8.09 -7.77
N THR B 21 -18.38 -7.68 -6.66
CA THR B 21 -19.67 -8.18 -6.25
C THR B 21 -20.72 -7.74 -7.25
N TRP B 22 -20.65 -6.50 -7.71
CA TRP B 22 -21.62 -6.01 -8.66
C TRP B 22 -21.40 -6.59 -10.02
N ASN B 23 -20.19 -7.09 -10.34
CA ASN B 23 -20.03 -7.87 -11.55
C ASN B 23 -20.84 -9.15 -11.39
N LYS B 24 -20.70 -9.84 -10.28
CA LYS B 24 -21.41 -11.08 -10.10
C LYS B 24 -22.90 -10.91 -10.04
N GLU B 25 -23.37 -9.81 -9.41
CA GLU B 25 -24.79 -9.49 -9.39
C GLU B 25 -25.27 -8.76 -10.67
N ASN B 26 -24.38 -8.55 -11.65
CA ASN B 26 -24.77 -7.96 -12.94
C ASN B 26 -25.42 -6.55 -12.75
N ARG B 27 -24.76 -5.69 -11.97
CA ARG B 27 -25.16 -4.27 -11.73
C ARG B 27 -24.11 -3.29 -12.24
N PHE B 28 -24.58 -2.16 -12.77
CA PHE B 28 -23.69 -1.08 -13.21
C PHE B 28 -23.02 -0.46 -11.99
N THR B 29 -21.70 -0.28 -12.04
CA THR B 29 -20.96 0.14 -10.85
C THR B 29 -20.44 1.53 -10.91
N GLY B 30 -19.72 1.88 -11.95
CA GLY B 30 -19.08 3.21 -11.99
C GLY B 30 -18.23 3.54 -10.78
N TRP B 31 -18.56 4.65 -10.12
CA TRP B 31 -17.78 5.16 -8.97
C TRP B 31 -18.20 4.62 -7.59
N VAL B 32 -19.25 3.82 -7.54
CA VAL B 32 -19.58 3.12 -6.29
C VAL B 32 -18.43 2.10 -5.96
N ASP B 33 -18.00 2.12 -4.70
CA ASP B 33 -16.73 1.53 -4.30
C ASP B 33 -16.93 0.08 -3.81
N VAL B 34 -17.35 -0.81 -4.70
CA VAL B 34 -17.72 -2.16 -4.28
C VAL B 34 -16.45 -2.99 -4.23
N ASP B 35 -16.51 -4.13 -3.56
CA ASP B 35 -15.25 -4.90 -3.31
C ASP B 35 -15.26 -6.14 -4.21
N LEU B 36 -14.18 -6.88 -4.18
CA LEU B 36 -14.00 -8.11 -4.94
C LEU B 36 -14.79 -9.22 -4.25
N THR B 37 -15.28 -10.15 -5.06
CA THR B 37 -15.77 -11.44 -4.56
C THR B 37 -14.57 -12.38 -4.32
N GLU B 38 -14.83 -13.54 -3.73
CA GLU B 38 -13.75 -14.51 -3.52
C GLU B 38 -13.10 -14.88 -4.85
N GLN B 39 -13.92 -15.00 -5.90
CA GLN B 39 -13.41 -15.32 -7.21
C GLN B 39 -12.55 -14.17 -7.73
N GLY B 40 -12.95 -12.94 -7.45
CA GLY B 40 -12.19 -11.76 -7.84
C GLY B 40 -10.84 -11.74 -7.16
N ASN B 41 -10.82 -12.07 -5.87
CA ASN B 41 -9.55 -12.18 -5.16
C ASN B 41 -8.64 -13.29 -5.76
N ARG B 42 -9.25 -14.40 -6.16
CA ARG B 42 -8.53 -15.54 -6.75
C ARG B 42 -7.97 -15.11 -8.11
N GLU B 43 -8.79 -14.46 -8.92
CA GLU B 43 -8.34 -14.01 -10.21
C GLU B 43 -7.15 -13.09 -10.07
N ALA B 44 -7.23 -12.17 -9.10
CA ALA B 44 -6.10 -11.25 -8.87
C ALA B 44 -4.85 -12.01 -8.43
N ARG B 45 -5.02 -12.93 -7.49
CA ARG B 45 -3.90 -13.76 -7.05
C ARG B 45 -3.26 -14.45 -8.27
N GLN B 46 -4.07 -15.02 -9.14
CA GLN B 46 -3.52 -15.76 -10.30
C GLN B 46 -2.85 -14.84 -11.35
N ALA B 47 -3.38 -13.65 -11.53
CA ALA B 47 -2.72 -12.72 -12.40
C ALA B 47 -1.30 -12.41 -11.86
N GLY B 48 -1.17 -12.25 -10.54
CA GLY B 48 0.12 -12.13 -9.88
C GLY B 48 1.09 -13.27 -10.13
N GLN B 49 0.60 -14.48 -9.95
CA GLN B 49 1.40 -15.65 -10.17
C GLN B 49 1.86 -15.73 -11.59
N LEU B 50 0.99 -15.41 -12.51
CA LEU B 50 1.32 -15.49 -13.92
C LEU B 50 2.40 -14.46 -14.20
N LEU B 51 2.22 -13.24 -13.77
CA LEU B 51 3.30 -12.27 -14.01
C LEU B 51 4.65 -12.69 -13.39
N LYS B 52 4.64 -13.26 -12.18
CA LYS B 52 5.90 -13.67 -11.52
C LYS B 52 6.53 -14.87 -12.26
N GLU B 53 5.72 -15.85 -12.56
CA GLU B 53 6.22 -17.00 -13.32
C GLU B 53 6.74 -16.62 -14.70
N ALA B 54 6.19 -15.59 -15.32
CA ALA B 54 6.71 -15.19 -16.61
C ALA B 54 7.92 -14.23 -16.48
N GLY B 55 8.32 -13.93 -15.25
CA GLY B 55 9.50 -13.11 -14.98
C GLY B 55 9.32 -11.60 -15.04
N TYR B 56 8.07 -11.13 -15.02
CA TYR B 56 7.80 -9.69 -15.12
C TYR B 56 8.14 -9.10 -13.77
N THR B 57 8.70 -7.89 -13.78
CA THR B 57 8.72 -7.06 -12.58
C THR B 57 8.21 -5.63 -12.82
N PHE B 58 8.10 -4.85 -11.74
CA PHE B 58 7.58 -3.48 -11.78
C PHE B 58 8.33 -2.62 -10.80
N ASP B 59 8.48 -1.36 -11.17
CA ASP B 59 9.10 -0.35 -10.38
C ASP B 59 8.08 0.57 -9.74
N ILE B 60 6.91 0.70 -10.38
CA ILE B 60 5.86 1.60 -9.92
C ILE B 60 4.52 1.04 -10.45
N ALA B 61 3.46 1.25 -9.69
CA ALA B 61 2.11 0.95 -10.14
C ALA B 61 1.19 2.14 -9.98
N TYR B 62 0.27 2.25 -10.92
CA TYR B 62 -0.85 3.18 -10.89
C TYR B 62 -2.17 2.46 -10.72
N THR B 63 -3.07 3.09 -9.97
CA THR B 63 -4.40 2.53 -9.75
C THR B 63 -5.44 3.61 -9.47
N SER B 64 -6.70 3.24 -9.40
CA SER B 64 -7.77 4.20 -9.09
C SER B 64 -7.78 4.46 -7.57
N VAL B 65 -8.81 5.16 -7.08
CA VAL B 65 -9.08 5.24 -5.66
C VAL B 65 -10.19 4.24 -5.23
N LEU B 66 -10.55 3.31 -6.11
CA LEU B 66 -11.66 2.41 -5.86
C LEU B 66 -11.08 1.06 -5.42
N LYS B 67 -11.55 0.57 -4.32
CA LYS B 67 -10.94 -0.56 -3.66
C LYS B 67 -10.93 -1.84 -4.45
N ARG B 68 -11.80 -2.02 -5.42
CA ARG B 68 -11.74 -3.25 -6.19
C ARG B 68 -10.49 -3.32 -7.10
N ALA B 69 -10.07 -2.17 -7.59
CA ALA B 69 -8.85 -2.08 -8.40
C ALA B 69 -7.63 -2.16 -7.46
N ILE B 70 -7.73 -1.50 -6.32
CA ILE B 70 -6.60 -1.44 -5.38
C ILE B 70 -6.26 -2.83 -4.81
N ARG B 71 -7.29 -3.59 -4.47
CA ARG B 71 -7.06 -4.87 -3.80
C ARG B 71 -6.53 -5.85 -4.82
N THR B 72 -7.01 -5.68 -6.06
CA THR B 72 -6.51 -6.49 -7.16
C THR B 72 -5.01 -6.19 -7.29
N LEU B 73 -4.63 -4.92 -7.29
CA LEU B 73 -3.19 -4.56 -7.27
C LEU B 73 -2.50 -5.17 -6.04
N TRP B 74 -3.11 -5.07 -4.85
CA TRP B 74 -2.50 -5.69 -3.68
C TRP B 74 -2.17 -7.14 -3.91
N HIS B 75 -3.12 -7.91 -4.47
CA HIS B 75 -2.90 -9.34 -4.71
C HIS B 75 -1.75 -9.58 -5.68
N VAL B 76 -1.72 -8.81 -6.75
CA VAL B 76 -0.58 -8.85 -7.65
C VAL B 76 0.74 -8.58 -6.89
N GLN B 77 0.81 -7.48 -6.14
CA GLN B 77 2.05 -7.14 -5.45
C GLN B 77 2.48 -8.29 -4.54
N ASP B 78 1.49 -8.78 -3.78
CA ASP B 78 1.70 -9.83 -2.83
C ASP B 78 2.33 -11.03 -3.52
N GLN B 79 1.68 -11.54 -4.55
CA GLN B 79 2.21 -12.73 -5.23
C GLN B 79 3.57 -12.50 -5.89
N MET B 80 3.87 -11.28 -6.28
CA MET B 80 5.11 -10.97 -7.00
C MET B 80 6.22 -10.52 -6.05
N ASP B 81 5.90 -10.40 -4.77
CA ASP B 81 6.80 -9.83 -3.79
C ASP B 81 7.20 -8.44 -4.14
N LEU B 82 6.23 -7.59 -4.43
CA LEU B 82 6.50 -6.19 -4.75
C LEU B 82 5.62 -5.27 -3.90
N MET B 83 5.42 -5.59 -2.65
CA MET B 83 4.53 -4.84 -1.80
C MET B 83 5.10 -3.46 -1.44
N TYR B 84 6.40 -3.31 -1.71
CA TYR B 84 7.14 -2.09 -1.34
C TYR B 84 7.23 -1.03 -2.46
N VAL B 85 6.75 -1.28 -3.68
CA VAL B 85 6.87 -0.28 -4.78
C VAL B 85 5.94 0.91 -4.57
N PRO B 86 6.35 2.11 -5.01
CA PRO B 86 5.43 3.27 -4.93
C PRO B 86 4.18 2.99 -5.72
N VAL B 87 3.04 3.39 -5.17
CA VAL B 87 1.84 3.27 -5.88
C VAL B 87 1.19 4.64 -5.96
N VAL B 88 0.77 5.04 -7.17
CA VAL B 88 -0.02 6.22 -7.38
C VAL B 88 -1.47 5.81 -7.49
N HIS B 89 -2.27 6.28 -6.52
CA HIS B 89 -3.71 6.11 -6.52
C HIS B 89 -4.40 7.38 -7.08
N SER B 90 -4.93 7.33 -8.30
CA SER B 90 -5.54 8.51 -8.92
C SER B 90 -7.02 8.35 -9.33
N TRP B 91 -7.83 9.33 -8.92
CA TRP B 91 -9.17 9.43 -9.38
C TRP B 91 -9.25 9.42 -10.89
N ARG B 92 -8.16 9.71 -11.61
CA ARG B 92 -8.22 9.77 -13.07
C ARG B 92 -8.31 8.39 -13.66
N LEU B 93 -8.05 7.35 -12.87
CA LEU B 93 -8.16 5.98 -13.36
C LEU B 93 -9.47 5.27 -12.95
N ASN B 94 -10.36 6.02 -12.30
CA ASN B 94 -11.63 5.53 -11.85
C ASN B 94 -12.42 5.07 -13.00
N GLU B 95 -13.24 4.06 -12.77
CA GLU B 95 -14.10 3.57 -13.80
C GLU B 95 -14.95 4.73 -14.33
N ARG B 96 -15.26 4.70 -15.62
CA ARG B 96 -16.29 5.58 -16.22
C ARG B 96 -17.50 5.65 -15.25
N HIS B 97 -17.98 6.85 -14.98
CA HIS B 97 -19.11 7.09 -14.05
C HIS B 97 -20.42 6.71 -14.70
N TYR B 98 -21.26 5.92 -14.01
CA TYR B 98 -22.49 5.38 -14.66
C TYR B 98 -23.77 6.16 -14.36
N GLY B 99 -23.62 7.29 -13.70
CA GLY B 99 -24.74 8.16 -13.43
C GLY B 99 -25.79 7.51 -12.59
N ALA B 100 -27.05 7.73 -12.96
CA ALA B 100 -28.19 7.19 -12.23
C ALA B 100 -28.39 5.73 -12.57
N LEU B 101 -27.54 5.17 -13.44
CA LEU B 101 -27.62 3.75 -13.61
C LEU B 101 -26.85 3.06 -12.52
N SER B 102 -25.98 3.76 -11.78
CA SER B 102 -25.11 3.06 -10.84
C SER B 102 -25.97 2.26 -9.85
N GLY B 103 -25.74 0.96 -9.72
CA GLY B 103 -26.54 0.15 -8.78
C GLY B 103 -27.66 -0.67 -9.41
N LEU B 104 -28.11 -0.27 -10.57
CA LEU B 104 -29.21 -0.96 -11.21
C LEU B 104 -28.69 -2.28 -11.80
N ASN B 105 -29.56 -3.29 -11.83
CA ASN B 105 -29.21 -4.56 -12.44
C ASN B 105 -29.34 -4.33 -13.95
N LYS B 106 -28.32 -4.73 -14.71
CA LYS B 106 -28.25 -4.48 -16.17
C LYS B 106 -29.33 -5.21 -16.96
N ALA B 107 -29.60 -6.48 -16.65
CA ALA B 107 -30.68 -7.24 -17.33
C ALA B 107 -32.07 -6.62 -17.02
N GLU B 108 -32.29 -6.16 -15.80
CA GLU B 108 -33.54 -5.51 -15.45
C GLU B 108 -33.76 -4.16 -16.18
N THR B 109 -32.67 -3.42 -16.39
CA THR B 109 -32.66 -2.14 -17.09
C THR B 109 -32.81 -2.34 -18.59
N ALA B 110 -32.27 -3.42 -19.17
CA ALA B 110 -32.51 -3.76 -20.60
C ALA B 110 -33.97 -4.18 -20.88
N ALA B 111 -34.60 -4.82 -19.91
CA ALA B 111 -36.00 -5.26 -20.06
C ALA B 111 -36.95 -4.09 -20.02
N LYS B 112 -36.65 -3.09 -19.20
CA LYS B 112 -37.51 -1.94 -19.02
C LYS B 112 -37.31 -0.87 -20.10
N TYR B 113 -36.06 -0.48 -20.36
CA TYR B 113 -35.74 0.59 -21.33
C TYR B 113 -35.29 0.06 -22.68
N GLY B 114 -35.19 -1.26 -22.81
CA GLY B 114 -34.81 -1.89 -24.07
C GLY B 114 -33.34 -2.25 -24.19
N ASP B 115 -33.06 -3.42 -24.79
CA ASP B 115 -31.70 -3.90 -25.01
C ASP B 115 -30.84 -2.84 -25.70
N GLU B 116 -31.42 -2.17 -26.68
CA GLU B 116 -30.67 -1.26 -27.52
C GLU B 116 -30.20 -0.03 -26.71
N GLN B 117 -31.11 0.60 -25.98
CA GLN B 117 -30.76 1.74 -25.12
C GLN B 117 -29.61 1.39 -24.17
N VAL B 118 -29.72 0.24 -23.51
CA VAL B 118 -28.68 -0.23 -22.62
C VAL B 118 -27.32 -0.42 -23.34
N LEU B 119 -27.34 -1.01 -24.53
CA LEU B 119 -26.15 -1.16 -25.38
C LEU B 119 -25.46 0.20 -25.63
N VAL B 120 -26.24 1.24 -25.84
CA VAL B 120 -25.70 2.59 -26.08
C VAL B 120 -25.16 3.19 -24.81
N TRP B 121 -25.93 3.03 -23.73
CA TRP B 121 -25.47 3.50 -22.45
C TRP B 121 -24.14 2.82 -22.08
N ARG B 122 -24.03 1.52 -22.39
CA ARG B 122 -22.90 0.73 -21.92
C ARG B 122 -21.66 0.81 -22.78
N ARG B 123 -21.81 0.97 -24.11
CA ARG B 123 -20.67 0.83 -25.03
C ARG B 123 -20.56 1.90 -26.11
N SER B 124 -21.51 2.84 -26.21
CA SER B 124 -21.31 3.99 -27.11
C SER B 124 -20.16 4.87 -26.64
N TYR B 125 -19.50 5.48 -27.59
CA TYR B 125 -18.42 6.39 -27.28
C TYR B 125 -18.95 7.69 -26.69
N ASP B 126 -20.10 8.15 -27.16
CA ASP B 126 -20.51 9.50 -26.78
C ASP B 126 -21.89 9.76 -26.20
N THR B 127 -22.68 8.72 -25.98
CA THR B 127 -23.98 8.90 -25.30
C THR B 127 -23.85 8.52 -23.81
N PRO B 128 -23.83 9.53 -22.90
CA PRO B 128 -23.74 9.29 -21.48
C PRO B 128 -25.03 8.75 -20.87
N PRO B 129 -24.88 7.95 -19.83
CA PRO B 129 -26.01 7.56 -19.03
C PRO B 129 -26.72 8.78 -18.44
N PRO B 130 -28.01 8.60 -18.03
CA PRO B 130 -28.63 9.72 -17.34
C PRO B 130 -27.81 10.03 -16.09
N ALA B 131 -27.76 11.30 -15.74
CA ALA B 131 -26.97 11.89 -14.69
C ALA B 131 -27.60 11.73 -13.31
N LEU B 132 -26.76 11.51 -12.30
CA LEU B 132 -27.22 11.65 -10.90
C LEU B 132 -27.66 13.08 -10.71
N GLU B 133 -28.71 13.30 -9.91
CA GLU B 133 -29.00 14.61 -9.37
C GLU B 133 -27.83 15.03 -8.45
N PRO B 134 -27.54 16.33 -8.37
CA PRO B 134 -26.42 16.79 -7.54
C PRO B 134 -26.50 16.39 -6.05
N GLY B 135 -27.71 16.21 -5.53
CA GLY B 135 -27.89 15.82 -4.13
C GLY B 135 -28.06 14.32 -3.89
N ASP B 136 -27.72 13.48 -4.89
CA ASP B 136 -27.83 12.04 -4.72
C ASP B 136 -26.79 11.54 -3.70
N GLU B 137 -27.12 10.54 -2.88
CA GLU B 137 -26.18 9.97 -1.90
C GLU B 137 -24.91 9.54 -2.65
N ARG B 138 -25.09 9.03 -3.87
CA ARG B 138 -24.04 8.61 -4.78
C ARG B 138 -23.16 9.70 -5.42
N ALA B 139 -23.47 11.00 -5.19
CA ALA B 139 -22.65 12.09 -5.73
C ALA B 139 -21.30 12.09 -5.02
N PRO B 140 -20.25 12.57 -5.69
CA PRO B 140 -18.90 12.48 -5.16
C PRO B 140 -18.46 13.64 -4.28
N TYR B 141 -19.27 14.68 -4.16
CA TYR B 141 -18.82 15.98 -3.71
C TYR B 141 -18.31 15.97 -2.28
N ALA B 142 -18.87 15.12 -1.44
CA ALA B 142 -18.52 15.09 -0.03
C ALA B 142 -17.50 13.96 0.30
N ASP B 143 -17.08 13.21 -0.72
CA ASP B 143 -16.22 12.02 -0.53
C ASP B 143 -14.78 12.50 -0.39
N PRO B 144 -14.12 12.10 0.72
CA PRO B 144 -12.71 12.49 1.00
C PRO B 144 -11.68 12.13 -0.08
N ARG B 145 -11.96 11.08 -0.86
CA ARG B 145 -11.16 10.73 -2.04
C ARG B 145 -11.07 11.87 -3.05
N TYR B 146 -12.13 12.69 -3.15
CA TYR B 146 -12.24 13.74 -4.17
C TYR B 146 -12.06 15.15 -3.59
N ALA B 147 -11.75 15.26 -2.31
CA ALA B 147 -11.71 16.58 -1.63
C ALA B 147 -10.82 17.63 -2.31
N LYS B 148 -9.73 17.20 -2.97
CA LYS B 148 -8.80 18.11 -3.68
C LYS B 148 -9.13 18.26 -5.15
N VAL B 149 -10.14 17.52 -5.61
CA VAL B 149 -10.61 17.63 -6.98
C VAL B 149 -11.55 18.87 -7.09
N PRO B 150 -11.25 19.75 -8.06
CA PRO B 150 -12.13 20.90 -8.23
C PRO B 150 -13.52 20.40 -8.56
N ARG B 151 -14.53 21.00 -7.92
CA ARG B 151 -15.90 20.51 -7.99
C ARG B 151 -16.42 20.35 -9.41
N GLU B 152 -15.98 21.19 -10.33
CA GLU B 152 -16.47 21.14 -11.71
C GLU B 152 -15.82 20.04 -12.52
N GLN B 153 -14.84 19.35 -11.96
CA GLN B 153 -14.24 18.25 -12.72
C GLN B 153 -14.84 16.90 -12.31
N LEU B 154 -15.78 16.94 -11.37
CA LEU B 154 -16.30 15.72 -10.81
C LEU B 154 -17.56 15.35 -11.57
N PRO B 155 -17.63 14.12 -12.10
CA PRO B 155 -18.80 13.85 -12.91
C PRO B 155 -20.03 13.40 -12.14
N LEU B 156 -21.19 13.74 -12.67
CA LEU B 156 -22.45 13.12 -12.24
C LEU B 156 -22.89 12.06 -13.27
N THR B 157 -22.23 12.04 -14.43
CA THR B 157 -22.32 10.91 -15.36
C THR B 157 -21.14 11.01 -16.34
N GLU B 158 -20.82 9.96 -17.08
CA GLU B 158 -19.78 10.04 -18.10
C GLU B 158 -20.06 9.09 -19.29
N CYS B 159 -19.79 9.53 -20.51
CA CYS B 159 -19.67 8.62 -21.67
C CYS B 159 -18.18 8.36 -21.82
N LEU B 160 -17.81 7.35 -22.60
CA LEU B 160 -16.38 6.96 -22.71
C LEU B 160 -15.50 8.11 -23.12
N LYS B 161 -16.02 8.97 -23.96
CA LYS B 161 -15.30 10.18 -24.40
C LYS B 161 -14.84 11.11 -23.26
N ASP B 162 -15.70 11.36 -22.28
CA ASP B 162 -15.34 12.04 -21.06
C ASP B 162 -14.23 11.29 -20.30
N THR B 163 -14.35 9.95 -20.27
CA THR B 163 -13.43 9.07 -19.54
C THR B 163 -12.01 9.23 -20.11
N VAL B 164 -11.91 9.22 -21.44
CA VAL B 164 -10.63 9.46 -22.13
C VAL B 164 -10.02 10.79 -21.71
N ALA B 165 -10.85 11.83 -21.68
CA ALA B 165 -10.42 13.18 -21.36
C ALA B 165 -9.92 13.25 -19.94
N ARG B 166 -10.53 12.45 -19.06
CA ARG B 166 -10.17 12.48 -17.64
C ARG B 166 -8.91 11.60 -17.32
N VAL B 167 -8.65 10.59 -18.14
CA VAL B 167 -7.50 9.68 -17.94
C VAL B 167 -6.18 10.32 -18.47
N LEU B 168 -6.30 10.96 -19.62
CA LEU B 168 -5.12 11.37 -20.37
C LEU B 168 -4.15 12.28 -19.62
N PRO B 169 -4.65 13.15 -18.75
CA PRO B 169 -3.62 13.92 -18.04
C PRO B 169 -2.63 13.06 -17.22
N LEU B 170 -3.11 11.94 -16.73
CA LEU B 170 -2.33 11.11 -15.86
C LEU B 170 -1.34 10.39 -16.72
N TRP B 171 -1.78 9.99 -17.91
CA TRP B 171 -0.91 9.35 -18.87
C TRP B 171 0.21 10.35 -19.27
N ASN B 172 -0.15 11.57 -19.65
CA ASN B 172 0.82 12.56 -20.17
C ASN B 172 1.73 13.13 -19.11
N GLU B 173 1.18 13.38 -17.94
CA GLU B 173 1.95 14.02 -16.87
C GLU B 173 2.72 13.07 -15.98
N SER B 174 2.34 11.81 -15.97
CA SER B 174 2.89 10.93 -14.98
C SER B 174 3.34 9.58 -15.52
N ILE B 175 2.42 8.84 -16.18
CA ILE B 175 2.72 7.46 -16.56
C ILE B 175 3.71 7.44 -17.72
N ALA B 176 3.44 8.21 -18.79
CA ALA B 176 4.36 8.28 -19.92
C ALA B 176 5.75 8.74 -19.47
N PRO B 177 5.85 9.81 -18.69
CA PRO B 177 7.24 10.07 -18.28
C PRO B 177 7.88 8.94 -17.44
N ALA B 178 7.10 8.23 -16.62
CA ALA B 178 7.66 7.11 -15.89
C ALA B 178 8.19 6.08 -16.87
N VAL B 179 7.48 5.81 -17.97
CA VAL B 179 7.89 4.74 -18.88
C VAL B 179 9.13 5.18 -19.64
N LYS B 180 9.09 6.40 -20.17
CA LYS B 180 10.29 6.98 -20.79
C LYS B 180 11.48 7.04 -19.82
N ALA B 181 11.29 7.04 -18.52
CA ALA B 181 12.47 7.00 -17.65
C ALA B 181 12.95 5.58 -17.40
N GLY B 182 12.35 4.59 -18.02
CA GLY B 182 12.79 3.19 -17.85
C GLY B 182 12.15 2.51 -16.66
N LYS B 183 11.16 3.15 -16.05
CA LYS B 183 10.44 2.49 -14.99
C LYS B 183 9.53 1.45 -15.66
N GLN B 184 9.42 0.30 -15.00
CA GLN B 184 8.54 -0.77 -15.43
C GLN B 184 7.23 -0.58 -14.72
N VAL B 185 6.16 -0.37 -15.50
CA VAL B 185 4.89 0.11 -14.97
C VAL B 185 3.76 -0.89 -15.06
N LEU B 186 2.93 -0.94 -14.00
CA LEU B 186 1.69 -1.69 -13.95
C LEU B 186 0.58 -0.68 -13.71
N ILE B 187 -0.55 -0.87 -14.42
CA ILE B 187 -1.74 -0.07 -14.23
C ILE B 187 -2.85 -1.05 -13.92
N ALA B 188 -3.38 -0.89 -12.71
CA ALA B 188 -4.46 -1.73 -12.22
C ALA B 188 -5.70 -0.87 -12.21
N ALA B 189 -6.64 -1.10 -13.10
CA ALA B 189 -7.76 -0.15 -13.21
C ALA B 189 -9.07 -0.89 -13.51
N HIS B 190 -9.87 -0.35 -14.44
CA HIS B 190 -11.27 -0.74 -14.60
C HIS B 190 -11.60 -0.95 -16.08
N GLY B 191 -12.69 -1.66 -16.37
CA GLY B 191 -13.05 -2.02 -17.73
C GLY B 191 -13.04 -0.81 -18.66
N ASN B 192 -13.87 0.18 -18.35
CA ASN B 192 -14.03 1.27 -19.25
C ASN B 192 -12.90 2.31 -19.16
N SER B 193 -12.28 2.51 -17.99
CA SER B 193 -11.16 3.48 -17.95
C SER B 193 -10.01 2.89 -18.73
N LEU B 194 -9.89 1.54 -18.73
CA LEU B 194 -8.89 0.87 -19.59
C LEU B 194 -9.21 0.96 -21.11
N ARG B 195 -10.49 0.76 -21.45
CA ARG B 195 -10.98 0.98 -22.83
C ARG B 195 -10.59 2.34 -23.32
N ALA B 196 -10.75 3.33 -22.46
CA ALA B 196 -10.43 4.70 -22.76
C ALA B 196 -8.99 4.86 -23.04
N LEU B 197 -8.15 4.33 -22.15
CA LEU B 197 -6.72 4.47 -22.31
C LEU B 197 -6.29 3.76 -23.56
N ILE B 198 -6.72 2.51 -23.72
CA ILE B 198 -6.30 1.71 -24.88
C ILE B 198 -6.75 2.38 -26.20
N LYS B 199 -7.86 3.14 -26.14
CA LYS B 199 -8.41 3.80 -27.30
C LYS B 199 -7.43 4.82 -27.78
N TYR B 200 -6.95 5.62 -26.84
CA TYR B 200 -5.90 6.60 -27.11
C TYR B 200 -4.59 5.91 -27.55
N LEU B 201 -4.05 4.98 -26.76
CA LEU B 201 -2.75 4.34 -27.08
C LEU B 201 -2.68 3.71 -28.47
N ASP B 202 -3.69 2.91 -28.79
CA ASP B 202 -3.78 2.19 -30.06
C ASP B 202 -4.46 2.99 -31.20
N GLY B 203 -4.87 4.24 -30.98
CA GLY B 203 -5.53 5.04 -32.03
C GLY B 203 -6.84 4.44 -32.54
N ILE B 204 -7.63 3.87 -31.64
CA ILE B 204 -8.86 3.19 -32.03
C ILE B 204 -9.93 4.27 -32.34
N SER B 205 -10.73 3.99 -33.37
CA SER B 205 -11.75 4.94 -33.83
C SER B 205 -12.94 4.90 -32.86
N ASP B 206 -13.78 5.94 -32.93
CA ASP B 206 -14.98 5.99 -32.10
C ASP B 206 -15.93 4.85 -32.45
N ALA B 207 -15.84 4.34 -33.67
CA ALA B 207 -16.70 3.26 -34.09
C ALA B 207 -16.16 1.94 -33.52
N ASP B 208 -14.88 1.72 -33.69
CA ASP B 208 -14.27 0.45 -33.32
C ASP B 208 -14.19 0.15 -31.83
N ILE B 209 -14.14 1.21 -31.01
CA ILE B 209 -14.03 1.02 -29.56
C ILE B 209 -15.26 0.33 -28.98
N VAL B 210 -16.42 0.53 -29.59
CA VAL B 210 -17.69 -0.04 -29.09
C VAL B 210 -17.62 -1.56 -28.80
N GLY B 211 -16.81 -2.30 -29.54
CA GLY B 211 -16.69 -3.76 -29.35
C GLY B 211 -15.55 -4.26 -28.46
N LEU B 212 -14.70 -3.38 -27.94
CA LEU B 212 -13.59 -3.86 -27.10
C LEU B 212 -14.08 -4.16 -25.71
N ASN B 213 -13.86 -5.38 -25.25
CA ASN B 213 -14.21 -5.74 -23.88
C ASN B 213 -12.98 -6.37 -23.26
N ILE B 214 -12.68 -6.00 -22.02
CA ILE B 214 -11.51 -6.46 -21.26
C ILE B 214 -11.99 -7.30 -20.08
N PRO B 215 -11.53 -8.54 -19.98
CA PRO B 215 -11.99 -9.38 -18.89
C PRO B 215 -11.32 -9.09 -17.58
N ASN B 216 -11.93 -9.60 -16.52
CA ASN B 216 -11.47 -9.32 -15.19
C ASN B 216 -10.10 -9.97 -15.02
N GLY B 217 -9.14 -9.19 -14.54
CA GLY B 217 -7.87 -9.72 -14.03
C GLY B 217 -7.04 -10.63 -14.91
N VAL B 218 -6.93 -10.22 -16.17
CA VAL B 218 -6.07 -10.88 -17.13
C VAL B 218 -5.03 -9.82 -17.51
N PRO B 219 -3.75 -10.06 -17.17
CA PRO B 219 -2.74 -9.08 -17.53
C PRO B 219 -2.71 -8.88 -19.05
N LEU B 220 -2.68 -7.61 -19.45
CA LEU B 220 -2.65 -7.22 -20.84
C LEU B 220 -1.34 -6.44 -21.06
N VAL B 221 -0.44 -7.05 -21.81
CA VAL B 221 0.89 -6.51 -22.06
C VAL B 221 0.92 -5.67 -23.36
N TYR B 222 1.43 -4.44 -23.24
CA TYR B 222 1.58 -3.58 -24.38
C TYR B 222 3.06 -3.47 -24.58
N GLU B 223 3.52 -3.65 -25.82
CA GLU B 223 4.91 -3.40 -26.17
C GLU B 223 4.95 -2.12 -26.99
N LEU B 224 5.71 -1.14 -26.51
CA LEU B 224 5.75 0.21 -27.07
C LEU B 224 7.18 0.56 -27.61
N ASP B 225 7.26 1.49 -28.56
CA ASP B 225 8.51 1.90 -29.19
C ASP B 225 9.03 3.19 -28.54
N GLU B 226 10.03 3.84 -29.14
CA GLU B 226 10.65 5.06 -28.57
C GLU B 226 9.67 6.25 -28.36
N SER B 227 8.58 6.25 -29.12
CA SER B 227 7.58 7.32 -29.10
C SER B 227 6.30 6.92 -28.32
N LEU B 228 6.38 5.76 -27.70
CA LEU B 228 5.27 5.11 -27.01
C LEU B 228 4.08 4.84 -27.92
N THR B 229 4.32 4.74 -29.22
CA THR B 229 3.36 4.16 -30.13
C THR B 229 3.50 2.65 -29.99
N PRO B 230 2.39 1.96 -29.64
CA PRO B 230 2.33 0.51 -29.52
C PRO B 230 2.88 -0.22 -30.73
N ILE B 231 3.50 -1.38 -30.47
CA ILE B 231 4.07 -2.26 -31.47
C ILE B 231 3.16 -3.48 -31.56
N ARG B 232 2.83 -4.09 -30.42
CA ARG B 232 1.88 -5.20 -30.35
C ARG B 232 1.25 -5.30 -28.97
N HIS B 233 0.21 -6.12 -28.85
CA HIS B 233 -0.28 -6.39 -27.52
C HIS B 233 -0.78 -7.77 -27.37
N TYR B 234 -0.83 -8.22 -26.11
CA TYR B 234 -1.29 -9.58 -25.81
C TYR B 234 -1.63 -9.80 -24.34
N TYR B 235 -2.72 -10.51 -24.11
CA TYR B 235 -2.98 -11.09 -22.82
C TYR B 235 -1.92 -12.08 -22.47
N LEU B 236 -1.62 -12.19 -21.18
CA LEU B 236 -0.72 -13.21 -20.66
C LEU B 236 -1.48 -14.50 -20.26
N GLY B 237 -0.85 -15.66 -20.48
CA GLY B 237 -1.47 -16.97 -20.19
C GLY B 237 -2.90 -17.20 -20.68
#